data_6OB7
#
_entry.id   6OB7
#
_cell.length_a   72.040
_cell.length_b   72.040
_cell.length_c   173.371
_cell.angle_alpha   90.00
_cell.angle_beta   90.00
_cell.angle_gamma   120.00
#
_symmetry.space_group_name_H-M   'P 32 2 1'
#
loop_
_entity.id
_entity.type
_entity.pdbx_description
1 polymer 'Equilibrative nucleoside transporter 1'
2 non-polymer '(2R)-2,3-dihydroxypropyl (9Z)-octadec-9-enoate'
3 non-polymer '(1,4-diazepane-1,4-diyl)di(propane-3,1-diyl) bis(3,4,5-trimethoxybenzoate)'
4 water water
#
_entity_poly.entity_id   1
_entity_poly.type   'polypeptide(L)'
_entity_poly.pdbx_seq_one_letter_code
;MATTSHQPQDRYKAVWLIFFMLGLGTLLPWNFFMTATQYFTNRLDMSQNVSLVTAELSKDAQASAAPAAPLPERNSLSAI
FNNVMTLCAMLPLLLFTYLNSFLHQRIPQSVRILGSLVAILLVFLITAILVKVQLDALPFFVITMIKIVLINSFGAILQG
SLFGLAGLFPASYTAAIMSGQGLAGFFASVAMICAIASGSELSESAFGYFITACAVIILTIICYLGLPRLEFYRYYQQLK
LEGPTNESHSIKAILKKISVLAFSVCFIFTITIGMFPAVTVEVKSSIAGSSTWERYFIPVSCFLTFNIFDWLGRSLTAVF
MWPGKDSRWLPSLVLARLVFVPLLLLCNIKPRRYLTVVFEHDAWFIFFMAAFAFSNGYLASLCMCFGPKKVKPAEAETAG
AIMAFFLCLGLALGAVFSFLFRAIVGTELLQVDTNSLEVLFQ
;
_entity_poly.pdbx_strand_id   A
#
# COMPACT_ATOMS: atom_id res chain seq x y z
N PRO A 8 -17.94 2.19 -26.03
CA PRO A 8 -17.30 2.23 -24.71
C PRO A 8 -17.77 3.41 -23.87
N GLN A 9 -18.98 3.32 -23.33
CA GLN A 9 -19.57 4.35 -22.48
C GLN A 9 -19.75 3.77 -21.09
N ASP A 10 -18.91 4.20 -20.15
CA ASP A 10 -19.05 3.80 -18.75
C ASP A 10 -20.16 4.65 -18.14
N ARG A 11 -21.40 4.25 -18.40
CA ARG A 11 -22.56 4.98 -17.93
C ARG A 11 -22.47 5.21 -16.42
N TYR A 12 -22.50 6.48 -16.02
CA TYR A 12 -22.40 6.91 -14.63
C TYR A 12 -21.03 6.64 -14.03
N LYS A 13 -20.06 6.17 -14.81
CA LYS A 13 -18.74 5.81 -14.29
C LYS A 13 -18.88 4.72 -13.22
N ALA A 14 -19.82 3.80 -13.44
CA ALA A 14 -20.06 2.73 -12.48
C ALA A 14 -18.85 1.79 -12.39
N VAL A 15 -18.31 1.39 -13.54
CA VAL A 15 -17.16 0.50 -13.54
C VAL A 15 -15.95 1.21 -12.93
N TRP A 16 -15.75 2.49 -13.26
CA TRP A 16 -14.65 3.24 -12.68
C TRP A 16 -14.78 3.30 -11.17
N LEU A 17 -15.98 3.63 -10.68
CA LEU A 17 -16.19 3.70 -9.24
C LEU A 17 -15.97 2.34 -8.58
N ILE A 18 -16.41 1.27 -9.24
CA ILE A 18 -16.22 -0.08 -8.68
C ILE A 18 -14.73 -0.40 -8.58
N PHE A 19 -13.97 -0.05 -9.62
CA PHE A 19 -12.52 -0.25 -9.58
C PHE A 19 -11.89 0.60 -8.48
N PHE A 20 -12.42 1.81 -8.26
CA PHE A 20 -11.96 2.65 -7.17
C PHE A 20 -12.20 1.96 -5.83
N MET A 21 -13.39 1.42 -5.64
CA MET A 21 -13.71 0.71 -4.40
C MET A 21 -12.81 -0.51 -4.22
N LEU A 22 -12.50 -1.21 -5.32
CA LEU A 22 -11.63 -2.37 -5.23
C LEU A 22 -10.24 -1.98 -4.72
N GLY A 23 -9.71 -0.84 -5.16
CA GLY A 23 -8.44 -0.38 -4.65
C GLY A 23 -8.50 -0.05 -3.17
N LEU A 24 -9.53 0.69 -2.77
CA LEU A 24 -9.75 0.95 -1.36
C LEU A 24 -9.76 -0.34 -0.54
N GLY A 25 -10.44 -1.37 -1.06
CA GLY A 25 -10.59 -2.60 -0.30
C GLY A 25 -9.31 -3.39 -0.17
N THR A 26 -8.41 -3.28 -1.16
CA THR A 26 -7.20 -4.09 -1.15
C THR A 26 -6.23 -3.65 -0.05
N LEU A 27 -6.22 -2.35 0.28
CA LEU A 27 -5.23 -1.82 1.21
C LEU A 27 -5.80 -1.26 2.50
N LEU A 28 -7.07 -0.88 2.54
CA LEU A 28 -7.62 -0.36 3.79
C LEU A 28 -7.50 -1.36 4.92
N PRO A 29 -7.79 -2.66 4.75
CA PRO A 29 -7.57 -3.59 5.85
C PRO A 29 -6.11 -3.66 6.28
N TRP A 30 -5.18 -3.85 5.34
CA TRP A 30 -3.78 -3.96 5.71
C TRP A 30 -3.25 -2.64 6.28
N ASN A 31 -3.66 -1.51 5.70
CA ASN A 31 -3.26 -0.22 6.27
C ASN A 31 -3.74 -0.09 7.71
N PHE A 32 -5.01 -0.44 7.96
CA PHE A 32 -5.52 -0.40 9.32
C PHE A 32 -4.73 -1.34 10.23
N PHE A 33 -4.37 -2.52 9.72
CA PHE A 33 -3.53 -3.43 10.49
C PHE A 33 -2.22 -2.77 10.87
N MET A 34 -1.56 -2.12 9.90
CA MET A 34 -0.29 -1.46 10.18
C MET A 34 -0.45 -0.34 11.19
N THR A 35 -1.50 0.47 11.06
CA THR A 35 -1.75 1.56 11.99
C THR A 35 -2.06 1.06 13.40
N ALA A 36 -2.38 -0.22 13.55
CA ALA A 36 -2.63 -0.82 14.85
C ALA A 36 -1.38 -1.45 15.46
N THR A 37 -0.20 -1.18 14.90
CA THR A 37 1.02 -1.77 15.44
C THR A 37 1.20 -1.42 16.91
N GLN A 38 0.88 -0.18 17.30
CA GLN A 38 0.98 0.21 18.69
C GLN A 38 0.12 -0.68 19.58
N TYR A 39 -1.02 -1.15 19.07
CA TYR A 39 -1.85 -2.06 19.83
C TYR A 39 -1.18 -3.42 20.00
N PHE A 40 -0.47 -3.90 18.97
CA PHE A 40 0.18 -5.20 19.05
C PHE A 40 1.40 -5.15 19.96
N THR A 41 2.21 -4.09 19.85
CA THR A 41 3.42 -3.99 20.67
C THR A 41 3.07 -3.74 22.13
N ASN A 42 2.09 -2.86 22.40
CA ASN A 42 1.70 -2.59 23.78
C ASN A 42 1.05 -3.82 24.41
N ARG A 43 0.25 -4.56 23.65
CA ARG A 43 -0.33 -5.78 24.18
C ARG A 43 0.75 -6.77 24.58
N LEU A 44 1.81 -6.88 23.78
CA LEU A 44 2.90 -7.79 24.11
C LEU A 44 3.63 -7.36 25.37
N ASP A 45 3.74 -6.04 25.61
CA ASP A 45 4.45 -5.56 26.79
C ASP A 45 3.67 -5.84 28.06
N MET A 46 2.35 -5.63 28.03
CA MET A 46 1.52 -5.89 29.20
C MET A 46 1.28 -7.39 29.44
N SER A 47 1.84 -8.26 28.60
CA SER A 47 1.70 -9.70 28.76
C SER A 47 3.01 -10.36 29.18
N GLN A 48 4.09 -10.14 28.43
CA GLN A 48 5.39 -10.68 28.79
C GLN A 48 5.76 -10.29 30.21
N ASN A 49 6.11 -11.29 31.02
CA ASN A 49 6.49 -11.07 32.41
C ASN A 49 7.98 -11.33 32.61
N ASN A 75 15.35 -8.21 22.84
CA ASN A 75 15.11 -9.65 22.86
C ASN A 75 13.66 -9.95 23.24
N SER A 76 12.88 -8.91 23.51
CA SER A 76 11.47 -9.08 23.83
C SER A 76 10.67 -9.29 22.55
N LEU A 77 9.39 -9.61 22.71
CA LEU A 77 8.52 -9.84 21.56
C LEU A 77 8.05 -8.54 20.94
N SER A 78 7.89 -7.48 21.74
CA SER A 78 7.51 -6.18 21.19
C SER A 78 8.68 -5.54 20.45
N ALA A 79 9.90 -5.76 20.92
CA ALA A 79 11.07 -5.15 20.28
C ALA A 79 11.35 -5.76 18.91
N ILE A 80 10.78 -6.92 18.60
CA ILE A 80 11.01 -7.59 17.33
C ILE A 80 9.76 -7.64 16.47
N PHE A 81 8.63 -7.16 16.98
CA PHE A 81 7.37 -7.29 16.24
C PHE A 81 7.45 -6.62 14.87
N ASN A 82 7.92 -5.36 14.84
CA ASN A 82 7.98 -4.62 13.58
C ASN A 82 8.82 -5.36 12.54
N ASN A 83 9.97 -5.91 12.95
CA ASN A 83 10.86 -6.56 11.99
C ASN A 83 10.33 -7.92 11.57
N VAL A 84 9.72 -8.68 12.49
CA VAL A 84 9.16 -9.98 12.13
C VAL A 84 7.91 -9.78 11.28
N MET A 85 7.09 -8.80 11.62
CA MET A 85 5.94 -8.47 10.77
C MET A 85 6.39 -8.12 9.37
N THR A 86 7.43 -7.28 9.25
CA THR A 86 7.95 -6.90 7.95
C THR A 86 8.33 -8.14 7.14
N LEU A 87 9.01 -9.09 7.77
CA LEU A 87 9.43 -10.31 7.08
C LEU A 87 8.22 -11.16 6.71
N CYS A 88 7.25 -11.28 7.61
CA CYS A 88 6.06 -12.08 7.35
C CYS A 88 5.11 -11.41 6.36
N ALA A 89 5.36 -10.17 5.98
CA ALA A 89 4.53 -9.45 5.03
C ALA A 89 5.15 -9.42 3.64
N MET A 90 6.43 -9.04 3.54
CA MET A 90 7.05 -8.85 2.24
C MET A 90 7.34 -10.18 1.56
N LEU A 91 7.79 -11.19 2.31
CA LEU A 91 8.12 -12.47 1.71
C LEU A 91 6.91 -13.14 1.10
N PRO A 92 5.76 -13.27 1.80
CA PRO A 92 4.58 -13.79 1.11
C PRO A 92 4.10 -12.88 -0.02
N LEU A 93 4.02 -11.58 0.24
CA LEU A 93 3.58 -10.64 -0.79
C LEU A 93 4.39 -10.79 -2.06
N LEU A 94 5.71 -10.97 -1.92
CA LEU A 94 6.58 -11.07 -3.08
C LEU A 94 6.44 -12.43 -3.78
N LEU A 95 6.35 -13.51 -3.00
CA LEU A 95 6.29 -14.85 -3.59
C LEU A 95 5.01 -15.04 -4.40
N PHE A 96 3.88 -14.56 -3.87
CA PHE A 96 2.59 -14.85 -4.50
C PHE A 96 2.23 -13.87 -5.61
N THR A 97 2.80 -12.66 -5.62
CA THR A 97 2.70 -11.85 -6.83
C THR A 97 3.57 -12.42 -7.94
N TYR A 98 4.69 -13.05 -7.57
CA TYR A 98 5.52 -13.72 -8.56
C TYR A 98 4.81 -14.94 -9.13
N LEU A 99 4.27 -15.79 -8.26
CA LEU A 99 3.55 -16.98 -8.74
C LEU A 99 2.33 -16.60 -9.55
N ASN A 100 1.58 -15.59 -9.10
CA ASN A 100 0.39 -15.16 -9.82
C ASN A 100 0.75 -14.71 -11.23
N SER A 101 1.88 -14.01 -11.39
CA SER A 101 2.30 -13.57 -12.72
C SER A 101 2.51 -14.75 -13.65
N PHE A 102 2.87 -15.91 -13.09
CA PHE A 102 3.10 -17.12 -13.89
C PHE A 102 1.87 -18.02 -13.98
N LEU A 103 0.92 -17.90 -13.05
CA LEU A 103 -0.16 -18.87 -12.94
C LEU A 103 -1.55 -18.24 -12.92
N HIS A 104 -1.67 -16.92 -13.11
CA HIS A 104 -2.99 -16.30 -13.04
C HIS A 104 -3.93 -16.87 -14.10
N GLN A 105 -3.39 -17.39 -15.20
CA GLN A 105 -4.22 -17.90 -16.28
C GLN A 105 -4.92 -19.20 -15.90
N ARG A 106 -4.40 -19.94 -14.91
CA ARG A 106 -4.95 -21.23 -14.55
C ARG A 106 -6.12 -21.15 -13.58
N ILE A 107 -6.39 -19.99 -13.01
CA ILE A 107 -7.50 -19.83 -12.06
C ILE A 107 -8.40 -18.70 -12.55
N PRO A 108 -9.72 -18.88 -12.55
CA PRO A 108 -10.61 -17.79 -12.96
C PRO A 108 -10.38 -16.55 -12.10
N GLN A 109 -10.51 -15.38 -12.72
CA GLN A 109 -10.22 -14.14 -12.01
C GLN A 109 -11.17 -13.93 -10.84
N SER A 110 -12.45 -14.29 -11.01
CA SER A 110 -13.42 -14.12 -9.93
C SER A 110 -13.06 -15.00 -8.74
N VAL A 111 -12.51 -16.18 -8.98
CA VAL A 111 -12.06 -17.03 -7.88
C VAL A 111 -10.88 -16.37 -7.18
N ARG A 112 -9.94 -15.82 -7.93
CA ARG A 112 -8.76 -15.20 -7.34
C ARG A 112 -9.14 -13.94 -6.57
N ILE A 113 -10.11 -13.17 -7.07
CA ILE A 113 -10.46 -11.90 -6.45
C ILE A 113 -11.40 -12.13 -5.27
N LEU A 114 -12.51 -12.82 -5.49
CA LEU A 114 -13.46 -13.06 -4.41
C LEU A 114 -12.89 -14.02 -3.36
N GLY A 115 -12.16 -15.05 -3.80
CA GLY A 115 -11.57 -15.96 -2.84
C GLY A 115 -10.58 -15.26 -1.92
N SER A 116 -9.73 -14.39 -2.48
CA SER A 116 -8.79 -13.63 -1.65
C SER A 116 -9.54 -12.67 -0.73
N LEU A 117 -10.59 -12.04 -1.23
CA LEU A 117 -11.35 -11.10 -0.39
C LEU A 117 -12.03 -11.82 0.77
N VAL A 118 -12.58 -13.01 0.52
CA VAL A 118 -13.24 -13.74 1.60
C VAL A 118 -12.22 -14.22 2.62
N ALA A 119 -11.04 -14.66 2.17
CA ALA A 119 -10.01 -15.11 3.09
C ALA A 119 -9.54 -13.97 3.98
N ILE A 120 -9.26 -12.81 3.41
CA ILE A 120 -8.82 -11.66 4.20
C ILE A 120 -9.91 -11.25 5.18
N LEU A 121 -11.18 -11.32 4.75
CA LEU A 121 -12.28 -11.02 5.65
C LEU A 121 -12.27 -11.91 6.86
N LEU A 122 -12.08 -13.22 6.65
CA LEU A 122 -12.08 -14.16 7.77
C LEU A 122 -10.91 -13.88 8.71
N VAL A 123 -9.75 -13.52 8.16
CA VAL A 123 -8.58 -13.31 9.00
C VAL A 123 -8.76 -12.06 9.86
N PHE A 124 -9.27 -10.97 9.27
CA PHE A 124 -9.50 -9.77 10.06
C PHE A 124 -10.60 -9.99 11.10
N LEU A 125 -11.62 -10.77 10.75
CA LEU A 125 -12.62 -11.13 11.75
C LEU A 125 -11.97 -11.81 12.94
N ILE A 126 -11.08 -12.77 12.68
CA ILE A 126 -10.36 -13.43 13.76
C ILE A 126 -9.49 -12.43 14.51
N THR A 127 -8.78 -11.57 13.77
CA THR A 127 -7.97 -10.54 14.41
C THR A 127 -8.81 -9.70 15.36
N ALA A 128 -10.05 -9.43 15.00
CA ALA A 128 -10.93 -8.66 15.87
C ALA A 128 -11.30 -9.47 17.12
N ILE A 129 -11.55 -10.78 16.96
CA ILE A 129 -11.91 -11.60 18.10
C ILE A 129 -10.75 -11.68 19.09
N LEU A 130 -9.52 -11.84 18.59
CA LEU A 130 -8.38 -11.97 19.48
C LEU A 130 -8.19 -10.75 20.36
N VAL A 131 -8.75 -9.59 19.97
CA VAL A 131 -8.67 -8.41 20.82
C VAL A 131 -9.40 -8.65 22.14
N LYS A 132 -10.45 -9.47 22.12
CA LYS A 132 -11.33 -9.65 23.28
C LYS A 132 -11.01 -10.88 24.10
N VAL A 133 -10.07 -11.73 23.68
CA VAL A 133 -9.78 -12.98 24.37
C VAL A 133 -8.40 -12.89 25.01
N GLN A 134 -8.26 -13.52 26.17
CA GLN A 134 -7.00 -13.57 26.87
C GLN A 134 -6.07 -14.59 26.22
N LEU A 135 -4.83 -14.18 25.96
CA LEU A 135 -3.87 -15.05 25.30
C LEU A 135 -2.47 -14.58 25.67
N ASP A 136 -1.60 -15.52 26.03
CA ASP A 136 -0.26 -15.16 26.46
C ASP A 136 0.53 -14.55 25.30
N ALA A 137 1.65 -13.93 25.64
CA ALA A 137 2.37 -13.09 24.69
C ALA A 137 2.84 -13.89 23.48
N LEU A 138 3.49 -15.04 23.72
CA LEU A 138 4.08 -15.79 22.61
C LEU A 138 3.00 -16.37 21.69
N PRO A 139 1.95 -17.03 22.19
CA PRO A 139 0.88 -17.47 21.27
C PRO A 139 0.29 -16.31 20.47
N PHE A 140 0.02 -15.18 21.12
CA PHE A 140 -0.52 -14.03 20.41
C PHE A 140 0.44 -13.57 19.33
N PHE A 141 1.73 -13.45 19.66
CA PHE A 141 2.73 -13.11 18.66
C PHE A 141 2.67 -14.05 17.46
N VAL A 142 2.71 -15.37 17.73
CA VAL A 142 2.77 -16.34 16.65
C VAL A 142 1.51 -16.30 15.80
N ILE A 143 0.34 -16.35 16.45
CA ILE A 143 -0.91 -16.34 15.71
C ILE A 143 -1.03 -15.07 14.87
N THR A 144 -0.62 -13.93 15.43
CA THR A 144 -0.67 -12.70 14.67
C THR A 144 0.22 -12.76 13.44
N MET A 145 1.43 -13.31 13.59
CA MET A 145 2.34 -13.40 12.45
C MET A 145 1.78 -14.34 11.39
N ILE A 146 1.10 -15.41 11.80
CA ILE A 146 0.46 -16.30 10.84
C ILE A 146 -0.59 -15.54 10.03
N LYS A 147 -1.45 -14.80 10.73
CA LYS A 147 -2.48 -14.01 10.04
C LYS A 147 -1.84 -12.97 9.13
N ILE A 148 -0.71 -12.41 9.51
CA ILE A 148 -0.03 -11.43 8.65
C ILE A 148 0.43 -12.11 7.36
N VAL A 149 0.84 -13.37 7.44
CA VAL A 149 1.27 -14.09 6.24
C VAL A 149 0.09 -14.33 5.31
N LEU A 150 -1.09 -14.63 5.87
CA LEU A 150 -2.26 -14.86 5.05
C LEU A 150 -2.76 -13.58 4.43
N ILE A 151 -2.73 -12.47 5.18
CA ILE A 151 -3.21 -11.19 4.66
C ILE A 151 -2.40 -10.78 3.44
N ASN A 152 -1.08 -10.96 3.49
CA ASN A 152 -0.23 -10.57 2.37
C ASN A 152 -0.17 -11.65 1.29
N SER A 153 -0.38 -12.91 1.65
CA SER A 153 -0.44 -13.96 0.63
C SER A 153 -1.66 -13.80 -0.25
N PHE A 154 -2.85 -13.69 0.36
CA PHE A 154 -4.06 -13.44 -0.42
C PHE A 154 -4.11 -12.02 -0.94
N GLY A 155 -3.49 -11.08 -0.22
CA GLY A 155 -3.38 -9.73 -0.75
C GLY A 155 -2.60 -9.70 -2.06
N ALA A 156 -1.49 -10.45 -2.12
CA ALA A 156 -0.73 -10.54 -3.36
C ALA A 156 -1.59 -11.02 -4.51
N ILE A 157 -2.34 -12.10 -4.30
CA ILE A 157 -3.20 -12.64 -5.34
C ILE A 157 -4.26 -11.62 -5.71
N LEU A 158 -4.89 -11.01 -4.71
CA LEU A 158 -5.92 -10.01 -4.97
C LEU A 158 -5.37 -8.85 -5.80
N GLN A 159 -4.23 -8.28 -5.37
CA GLN A 159 -3.70 -7.12 -6.06
C GLN A 159 -3.16 -7.48 -7.43
N GLY A 160 -2.45 -8.61 -7.53
CA GLY A 160 -1.97 -9.06 -8.82
C GLY A 160 -3.09 -9.28 -9.82
N SER A 161 -4.22 -9.80 -9.34
CA SER A 161 -5.35 -10.09 -10.21
C SER A 161 -6.11 -8.84 -10.60
N LEU A 162 -6.11 -7.81 -9.74
CA LEU A 162 -6.81 -6.57 -10.04
C LEU A 162 -6.08 -5.76 -11.10
N PHE A 163 -4.76 -5.61 -10.94
CA PHE A 163 -3.99 -4.87 -11.94
C PHE A 163 -3.98 -5.62 -13.27
N GLY A 164 -3.95 -6.96 -13.23
CA GLY A 164 -4.11 -7.72 -14.45
C GLY A 164 -5.44 -7.46 -15.13
N LEU A 165 -6.53 -7.53 -14.35
CA LEU A 165 -7.84 -7.20 -14.88
C LEU A 165 -7.87 -5.78 -15.45
N ALA A 166 -7.39 -4.81 -14.67
CA ALA A 166 -7.40 -3.42 -15.11
C ALA A 166 -6.54 -3.22 -16.36
N GLY A 167 -5.59 -4.11 -16.63
CA GLY A 167 -4.79 -4.01 -17.84
C GLY A 167 -5.60 -4.09 -19.11
N LEU A 168 -6.80 -4.69 -19.05
CA LEU A 168 -7.66 -4.76 -20.21
C LEU A 168 -8.42 -3.46 -20.47
N PHE A 169 -8.53 -2.60 -19.46
CA PHE A 169 -9.31 -1.38 -19.54
C PHE A 169 -8.43 -0.18 -19.84
N PRO A 170 -9.02 0.95 -20.25
CA PRO A 170 -8.21 2.16 -20.49
C PRO A 170 -7.34 2.51 -19.29
N ALA A 171 -6.29 3.31 -19.50
CA ALA A 171 -5.35 3.61 -18.44
C ALA A 171 -6.04 4.23 -17.22
N SER A 172 -7.12 4.98 -17.44
CA SER A 172 -7.81 5.66 -16.35
C SER A 172 -8.34 4.69 -15.30
N TYR A 173 -8.56 3.43 -15.66
CA TYR A 173 -9.15 2.47 -14.73
C TYR A 173 -8.11 1.78 -13.87
N THR A 174 -6.85 1.76 -14.29
CA THR A 174 -5.78 1.41 -13.35
C THR A 174 -5.55 2.54 -12.36
N ALA A 175 -5.69 3.79 -12.82
CA ALA A 175 -5.59 4.92 -11.90
C ALA A 175 -6.70 4.88 -10.86
N ALA A 176 -7.86 4.32 -11.21
CA ALA A 176 -8.94 4.18 -10.25
C ALA A 176 -8.52 3.30 -9.08
N ILE A 177 -7.86 2.17 -9.38
CA ILE A 177 -7.35 1.30 -8.33
C ILE A 177 -6.33 2.04 -7.48
N MET A 178 -5.33 2.62 -8.13
CA MET A 178 -4.31 3.39 -7.41
C MET A 178 -4.94 4.47 -6.57
N SER A 179 -5.89 5.21 -7.14
CA SER A 179 -6.57 6.27 -6.40
C SER A 179 -7.29 5.71 -5.18
N GLY A 180 -8.06 4.64 -5.37
CA GLY A 180 -8.74 4.02 -4.24
C GLY A 180 -7.77 3.54 -3.18
N GLN A 181 -6.61 3.03 -3.59
CA GLN A 181 -5.58 2.65 -2.62
C GLN A 181 -5.10 3.85 -1.83
N GLY A 182 -4.93 4.99 -2.50
CA GLY A 182 -4.51 6.20 -1.81
C GLY A 182 -5.51 6.64 -0.77
N LEU A 183 -6.80 6.57 -1.09
CA LEU A 183 -7.83 6.89 -0.10
C LEU A 183 -7.73 5.97 1.10
N ALA A 184 -7.36 4.71 0.88
CA ALA A 184 -7.17 3.79 2.00
C ALA A 184 -6.06 4.28 2.92
N GLY A 185 -5.01 4.88 2.35
CA GLY A 185 -3.98 5.48 3.17
C GLY A 185 -4.45 6.73 3.87
N PHE A 186 -5.30 7.53 3.21
CA PHE A 186 -5.85 8.71 3.83
C PHE A 186 -6.73 8.35 5.02
N PHE A 187 -7.67 7.41 4.82
CA PHE A 187 -8.52 6.99 5.92
C PHE A 187 -7.70 6.42 7.07
N ALA A 188 -6.65 5.67 6.76
CA ALA A 188 -5.79 5.13 7.81
C ALA A 188 -5.18 6.24 8.63
N SER A 189 -4.78 7.35 7.98
CA SER A 189 -4.21 8.47 8.71
C SER A 189 -5.27 9.15 9.59
N VAL A 190 -6.47 9.36 9.06
CA VAL A 190 -7.54 9.95 9.85
C VAL A 190 -7.84 9.08 11.06
N ALA A 191 -7.86 7.76 10.87
CA ALA A 191 -8.16 6.85 11.96
C ALA A 191 -7.08 6.90 13.04
N MET A 192 -5.81 6.94 12.64
CA MET A 192 -4.73 7.00 13.61
C MET A 192 -4.84 8.27 14.47
N ILE A 193 -5.07 9.41 13.82
CA ILE A 193 -5.19 10.67 14.55
C ILE A 193 -6.41 10.64 15.47
N CYS A 194 -7.55 10.18 14.95
CA CYS A 194 -8.75 10.13 15.76
C CYS A 194 -8.61 9.17 16.93
N ALA A 195 -7.85 8.09 16.76
CA ALA A 195 -7.64 7.15 17.87
C ALA A 195 -6.85 7.79 18.99
N ILE A 196 -5.81 8.55 18.66
CA ILE A 196 -5.02 9.22 19.69
C ILE A 196 -5.88 10.26 20.41
N ALA A 197 -6.62 11.06 19.65
CA ALA A 197 -7.43 12.12 20.24
C ALA A 197 -8.66 11.58 20.97
N SER A 198 -9.07 10.34 20.69
CA SER A 198 -10.24 9.80 21.35
C SER A 198 -9.98 9.53 22.83
N GLY A 199 -8.73 9.24 23.18
CA GLY A 199 -8.40 8.84 24.53
C GLY A 199 -8.75 7.41 24.86
N SER A 200 -9.25 6.65 23.90
CA SER A 200 -9.67 5.27 24.14
C SER A 200 -8.46 4.34 24.18
N GLU A 201 -8.64 3.21 24.86
CA GLU A 201 -7.60 2.20 24.91
C GLU A 201 -7.19 1.80 23.49
N LEU A 202 -5.90 1.48 23.33
CA LEU A 202 -5.40 1.05 22.03
C LEU A 202 -6.15 -0.17 21.53
N SER A 203 -6.65 -1.01 22.44
CA SER A 203 -7.30 -2.25 22.01
C SER A 203 -8.68 -1.98 21.42
N GLU A 204 -9.44 -1.07 22.02
CA GLU A 204 -10.77 -0.77 21.50
C GLU A 204 -10.70 0.09 20.23
N SER A 205 -9.62 0.87 20.07
CA SER A 205 -9.39 1.53 18.79
C SER A 205 -9.05 0.50 17.72
N ALA A 206 -8.15 -0.43 18.05
CA ALA A 206 -7.80 -1.49 17.09
C ALA A 206 -9.02 -2.33 16.73
N PHE A 207 -9.83 -2.69 17.73
CA PHE A 207 -11.05 -3.45 17.44
C PHE A 207 -11.94 -2.70 16.48
N GLY A 208 -11.98 -1.36 16.59
CA GLY A 208 -12.74 -0.57 15.63
C GLY A 208 -12.12 -0.59 14.25
N TYR A 209 -10.79 -0.52 14.17
CA TYR A 209 -10.11 -0.67 12.89
C TYR A 209 -10.54 -1.97 12.20
N PHE A 210 -10.42 -3.09 12.91
CA PHE A 210 -10.61 -4.39 12.29
C PHE A 210 -12.06 -4.60 11.87
N ILE A 211 -13.01 -4.19 12.70
CA ILE A 211 -14.42 -4.31 12.32
C ILE A 211 -14.72 -3.44 11.11
N THR A 212 -14.16 -2.23 11.07
CA THR A 212 -14.34 -1.37 9.91
C THR A 212 -13.79 -2.03 8.65
N ALA A 213 -12.60 -2.62 8.75
CA ALA A 213 -12.03 -3.32 7.59
C ALA A 213 -12.96 -4.43 7.12
N CYS A 214 -13.48 -5.23 8.05
CA CYS A 214 -14.40 -6.29 7.68
C CYS A 214 -15.59 -5.74 6.90
N ALA A 215 -16.18 -4.64 7.39
CA ALA A 215 -17.30 -4.04 6.69
C ALA A 215 -16.88 -3.53 5.32
N VAL A 216 -15.69 -2.94 5.22
CA VAL A 216 -15.20 -2.44 3.94
C VAL A 216 -14.97 -3.59 2.97
N ILE A 217 -14.42 -4.70 3.45
CA ILE A 217 -14.21 -5.86 2.59
C ILE A 217 -15.55 -6.37 2.07
N ILE A 218 -16.57 -6.39 2.93
CA ILE A 218 -17.88 -6.85 2.50
C ILE A 218 -18.44 -5.92 1.42
N LEU A 219 -18.32 -4.62 1.61
CA LEU A 219 -18.74 -3.67 0.59
C LEU A 219 -17.96 -3.89 -0.70
N THR A 220 -16.66 -4.16 -0.59
CA THR A 220 -15.83 -4.38 -1.77
C THR A 220 -16.31 -5.59 -2.56
N ILE A 221 -16.68 -6.66 -1.86
CA ILE A 221 -17.17 -7.86 -2.54
C ILE A 221 -18.46 -7.55 -3.29
N ILE A 222 -19.38 -6.84 -2.63
CA ILE A 222 -20.65 -6.49 -3.26
C ILE A 222 -20.41 -5.71 -4.55
N CYS A 223 -19.51 -4.74 -4.51
CA CYS A 223 -19.25 -3.92 -5.70
C CYS A 223 -18.68 -4.76 -6.83
N TYR A 224 -17.75 -5.66 -6.53
CA TYR A 224 -17.19 -6.52 -7.57
C TYR A 224 -18.28 -7.36 -8.23
N LEU A 225 -19.21 -7.88 -7.44
CA LEU A 225 -20.26 -8.75 -7.99
C LEU A 225 -21.16 -8.02 -8.97
N GLY A 226 -21.17 -6.69 -8.94
CA GLY A 226 -22.01 -5.91 -9.83
C GLY A 226 -21.40 -5.58 -11.18
N LEU A 227 -20.19 -6.04 -11.45
CA LEU A 227 -19.50 -5.71 -12.69
C LEU A 227 -20.08 -6.48 -13.89
N PRO A 228 -20.35 -7.78 -13.77
CA PRO A 228 -20.77 -8.54 -14.96
C PRO A 228 -22.01 -7.98 -15.65
N ARG A 229 -22.90 -7.31 -14.93
CA ARG A 229 -24.11 -6.78 -15.54
C ARG A 229 -23.92 -5.41 -16.17
N LEU A 230 -22.70 -4.88 -16.14
CA LEU A 230 -22.41 -3.57 -16.72
C LEU A 230 -21.78 -3.77 -18.09
N GLU A 231 -22.32 -3.07 -19.09
CA GLU A 231 -21.90 -3.28 -20.47
C GLU A 231 -20.46 -2.83 -20.71
N PHE A 232 -20.06 -1.71 -20.08
CA PHE A 232 -18.68 -1.24 -20.19
C PHE A 232 -17.70 -2.30 -19.73
N TYR A 233 -18.01 -2.96 -18.61
CA TYR A 233 -17.13 -3.99 -18.08
C TYR A 233 -17.01 -5.17 -19.05
N ARG A 234 -18.15 -5.65 -19.54
CA ARG A 234 -18.12 -6.78 -20.46
C ARG A 234 -17.40 -6.44 -21.76
N TYR A 235 -17.42 -5.17 -22.17
CA TYR A 235 -16.83 -4.79 -23.45
C TYR A 235 -15.31 -5.01 -23.45
N TYR A 236 -14.63 -4.66 -22.35
CA TYR A 236 -13.19 -4.86 -22.26
C TYR A 236 -12.82 -6.20 -21.67
N GLN A 237 -13.62 -6.74 -20.75
CA GLN A 237 -13.37 -8.08 -20.23
C GLN A 237 -13.63 -9.14 -21.29
N GLN A 238 -14.39 -8.82 -22.34
CA GLN A 238 -14.59 -9.75 -23.46
C GLN A 238 -13.28 -10.15 -24.09
N LEU A 239 -12.30 -9.23 -24.12
CA LEU A 239 -11.04 -9.39 -24.83
C LEU A 239 -10.19 -10.53 -24.30
N LYS A 240 -10.72 -11.33 -23.35
CA LYS A 240 -10.10 -12.58 -22.96
C LYS A 240 -10.29 -13.68 -24.00
N LEU A 241 -11.26 -13.51 -24.90
CA LEU A 241 -11.62 -14.58 -25.83
C LEU A 241 -10.80 -14.50 -27.11
N SER A 250 4.57 -16.23 -23.27
CA SER A 250 5.90 -15.64 -23.40
C SER A 250 6.10 -14.54 -22.36
N ILE A 251 6.27 -14.96 -21.09
CA ILE A 251 6.46 -13.99 -20.02
C ILE A 251 7.75 -13.21 -20.23
N LYS A 252 8.81 -13.88 -20.68
CA LYS A 252 10.07 -13.19 -20.92
C LYS A 252 9.90 -12.06 -21.92
N ALA A 253 9.15 -12.30 -22.99
CA ALA A 253 8.94 -11.26 -24.02
C ALA A 253 8.09 -10.13 -23.49
N ILE A 254 7.04 -10.44 -22.72
CA ILE A 254 6.22 -9.40 -22.12
C ILE A 254 7.04 -8.54 -21.17
N LEU A 255 7.95 -9.18 -20.42
CA LEU A 255 8.75 -8.45 -19.45
C LEU A 255 9.67 -7.45 -20.14
N LYS A 256 10.19 -7.80 -21.31
CA LYS A 256 11.05 -6.87 -22.05
C LYS A 256 10.28 -5.64 -22.49
N LYS A 257 9.00 -5.81 -22.84
CA LYS A 257 8.21 -4.69 -23.34
C LYS A 257 7.86 -3.69 -22.24
N ILE A 258 7.68 -4.16 -21.01
CA ILE A 258 7.31 -3.31 -19.89
C ILE A 258 8.48 -3.04 -18.95
N SER A 259 9.69 -3.47 -19.34
CA SER A 259 10.82 -3.46 -18.41
C SER A 259 11.08 -2.07 -17.86
N VAL A 260 10.98 -1.04 -18.71
CA VAL A 260 11.24 0.32 -18.24
C VAL A 260 10.28 0.69 -17.13
N LEU A 261 8.98 0.45 -17.34
CA LEU A 261 7.98 0.80 -16.33
C LEU A 261 8.01 -0.17 -15.16
N ALA A 262 8.31 -1.44 -15.41
CA ALA A 262 8.41 -2.40 -14.32
C ALA A 262 9.55 -2.05 -13.38
N PHE A 263 10.72 -1.74 -13.94
CA PHE A 263 11.87 -1.37 -13.11
C PHE A 263 11.66 -0.01 -12.45
N SER A 264 10.97 0.90 -13.13
CA SER A 264 10.71 2.21 -12.56
C SER A 264 9.84 2.10 -11.31
N VAL A 265 8.70 1.40 -11.41
CA VAL A 265 7.82 1.28 -10.26
C VAL A 265 8.53 0.57 -9.12
N CYS A 266 9.40 -0.38 -9.43
CA CYS A 266 10.20 -1.02 -8.39
C CYS A 266 11.09 -0.02 -7.70
N PHE A 267 11.76 0.85 -8.46
CA PHE A 267 12.63 1.86 -7.86
C PHE A 267 11.84 2.90 -7.09
N ILE A 268 10.61 3.19 -7.51
CA ILE A 268 9.78 4.14 -6.78
C ILE A 268 9.63 3.69 -5.32
N PHE A 269 9.21 2.44 -5.13
CA PHE A 269 8.91 1.96 -3.78
C PHE A 269 10.15 1.48 -3.04
N THR A 270 11.24 1.18 -3.74
CA THR A 270 12.52 0.99 -3.05
C THR A 270 12.88 2.24 -2.26
N ILE A 271 12.84 3.40 -2.92
CA ILE A 271 13.09 4.66 -2.23
C ILE A 271 12.04 4.89 -1.15
N THR A 272 10.76 4.80 -1.52
CA THR A 272 9.70 5.17 -0.59
C THR A 272 9.77 4.34 0.69
N ILE A 273 9.70 3.02 0.56
CA ILE A 273 9.74 2.17 1.75
C ILE A 273 11.12 2.22 2.39
N GLY A 274 12.16 2.53 1.60
CA GLY A 274 13.48 2.72 2.18
C GLY A 274 13.47 3.80 3.25
N MET A 275 12.73 4.89 3.00
CA MET A 275 12.71 6.03 3.91
C MET A 275 11.47 6.10 4.78
N PHE A 276 10.37 5.49 4.36
CA PHE A 276 9.09 5.65 5.03
C PHE A 276 8.51 4.28 5.33
N PRO A 277 8.04 4.01 6.57
CA PRO A 277 7.96 4.91 7.73
C PRO A 277 9.12 4.79 8.73
N ALA A 278 9.94 3.74 8.59
CA ALA A 278 10.91 3.43 9.63
C ALA A 278 11.84 4.61 9.92
N VAL A 279 12.37 5.25 8.87
CA VAL A 279 13.30 6.35 9.07
C VAL A 279 12.56 7.64 9.43
N THR A 280 11.49 7.95 8.69
CA THR A 280 10.85 9.26 8.83
C THR A 280 10.15 9.42 10.17
N VAL A 281 9.64 8.33 10.77
CA VAL A 281 8.95 8.44 12.04
C VAL A 281 9.88 8.82 13.18
N GLU A 282 11.19 8.87 12.95
CA GLU A 282 12.15 9.26 13.98
C GLU A 282 12.37 10.77 14.01
N VAL A 283 11.79 11.52 13.08
CA VAL A 283 11.96 12.97 13.06
C VAL A 283 11.20 13.58 14.22
N LYS A 284 11.77 14.61 14.83
CA LYS A 284 11.17 15.34 15.94
C LYS A 284 10.94 16.79 15.54
N SER A 285 9.90 17.40 16.10
CA SER A 285 9.65 18.81 15.89
C SER A 285 10.75 19.65 16.53
N SER A 286 11.00 20.82 15.94
CA SER A 286 11.94 21.79 16.48
C SER A 286 11.28 23.14 16.77
N ILE A 287 9.95 23.23 16.64
CA ILE A 287 9.24 24.48 16.85
C ILE A 287 8.03 24.25 17.75
N ALA A 288 7.89 23.03 18.28
CA ALA A 288 6.72 22.70 19.08
C ALA A 288 6.63 23.62 20.29
N GLY A 289 5.42 24.12 20.54
CA GLY A 289 5.18 25.03 21.64
C GLY A 289 4.57 24.34 22.86
N SER A 290 4.09 23.12 22.68
CA SER A 290 3.44 22.39 23.76
C SER A 290 3.83 20.92 23.71
N SER A 291 3.82 20.28 24.88
CA SER A 291 4.05 18.84 24.95
C SER A 291 2.94 18.04 24.29
N THR A 292 1.83 18.69 23.90
CA THR A 292 0.78 18.00 23.17
C THR A 292 1.21 17.68 21.73
N TRP A 293 2.21 18.40 21.21
CA TRP A 293 2.73 18.10 19.88
C TRP A 293 3.31 16.70 19.79
N GLU A 294 3.90 16.19 20.89
CA GLU A 294 4.77 15.03 20.80
C GLU A 294 4.03 13.83 20.20
N ARG A 295 2.83 13.54 20.67
CA ARG A 295 2.10 12.38 20.20
C ARG A 295 1.40 12.61 18.86
N TYR A 296 1.43 13.84 18.34
CA TYR A 296 0.75 14.16 17.09
C TYR A 296 1.68 14.56 15.96
N PHE A 297 2.94 14.90 16.25
CA PHE A 297 3.83 15.39 15.21
C PHE A 297 4.00 14.37 14.09
N ILE A 298 4.28 13.13 14.45
CA ILE A 298 4.52 12.07 13.46
C ILE A 298 3.22 11.72 12.73
N PRO A 299 2.16 11.35 13.44
CA PRO A 299 0.91 11.02 12.72
C PRO A 299 0.41 12.14 11.83
N VAL A 300 0.75 13.40 12.13
CA VAL A 300 0.27 14.54 11.36
C VAL A 300 1.31 14.93 10.32
N SER A 301 2.53 15.25 10.76
CA SER A 301 3.51 15.79 9.84
C SER A 301 4.09 14.72 8.92
N CYS A 302 4.07 13.46 9.36
CA CYS A 302 4.61 12.37 8.55
C CYS A 302 3.51 11.57 7.88
N PHE A 303 2.72 10.84 8.66
CA PHE A 303 1.76 9.92 8.07
C PHE A 303 0.67 10.66 7.31
N LEU A 304 0.05 11.67 7.94
CA LEU A 304 -1.02 12.40 7.27
C LEU A 304 -0.50 13.11 6.03
N THR A 305 0.65 13.79 6.16
CA THR A 305 1.25 14.45 5.00
C THR A 305 1.45 13.46 3.86
N PHE A 306 2.05 12.30 4.15
CA PHE A 306 2.36 11.34 3.10
C PHE A 306 1.09 10.85 2.41
N ASN A 307 0.09 10.44 3.19
CA ASN A 307 -1.08 9.82 2.60
C ASN A 307 -1.96 10.83 1.87
N ILE A 308 -1.96 12.10 2.29
CA ILE A 308 -2.71 13.11 1.57
C ILE A 308 -2.13 13.30 0.17
N PHE A 309 -0.83 13.57 0.09
CA PHE A 309 -0.22 13.89 -1.20
C PHE A 309 0.02 12.65 -2.05
N ASP A 310 0.25 11.49 -1.43
CA ASP A 310 0.29 10.24 -2.18
C ASP A 310 -1.07 9.97 -2.82
N TRP A 311 -2.14 10.14 -2.05
CA TRP A 311 -3.48 9.95 -2.58
C TRP A 311 -3.80 10.95 -3.69
N LEU A 312 -3.45 12.22 -3.49
CA LEU A 312 -3.71 13.22 -4.51
C LEU A 312 -2.88 12.97 -5.77
N GLY A 313 -1.65 12.46 -5.60
CA GLY A 313 -0.83 12.14 -6.77
C GLY A 313 -1.42 11.01 -7.58
N ARG A 314 -1.83 9.93 -6.91
CA ARG A 314 -2.50 8.84 -7.60
C ARG A 314 -3.79 9.31 -8.25
N SER A 315 -4.56 10.15 -7.56
CA SER A 315 -5.84 10.60 -8.08
C SER A 315 -5.67 11.47 -9.32
N LEU A 316 -4.61 12.28 -9.36
CA LEU A 316 -4.39 13.15 -10.51
C LEU A 316 -4.21 12.34 -11.79
N THR A 317 -3.63 11.15 -11.70
CA THR A 317 -3.34 10.36 -12.90
C THR A 317 -4.59 9.88 -13.62
N ALA A 318 -5.76 9.96 -12.99
CA ALA A 318 -6.99 9.57 -13.67
C ALA A 318 -7.42 10.61 -14.71
N VAL A 319 -6.85 11.81 -14.64
CA VAL A 319 -7.22 12.88 -15.57
C VAL A 319 -6.01 13.55 -16.22
N PHE A 320 -4.80 13.37 -15.69
CA PHE A 320 -3.62 14.06 -16.20
C PHE A 320 -2.44 13.11 -16.04
N MET A 321 -1.84 12.72 -17.16
CA MET A 321 -0.84 11.65 -17.15
C MET A 321 0.45 12.06 -17.85
N TRP A 322 0.81 13.33 -17.79
CA TRP A 322 2.12 13.75 -18.27
C TRP A 322 3.20 12.95 -17.53
N PRO A 323 4.30 12.56 -18.19
CA PRO A 323 4.73 12.84 -19.57
C PRO A 323 4.31 11.81 -20.62
N GLY A 324 3.47 10.85 -20.26
CA GLY A 324 2.96 9.89 -21.21
C GLY A 324 3.71 8.57 -21.17
N LYS A 325 3.11 7.57 -21.82
CA LYS A 325 3.59 6.19 -21.72
C LYS A 325 4.94 5.99 -22.39
N ASP A 326 5.28 6.80 -23.38
CA ASP A 326 6.53 6.64 -24.15
C ASP A 326 7.62 7.62 -23.72
N SER A 327 7.36 8.59 -22.86
CA SER A 327 8.35 9.60 -22.54
C SER A 327 9.41 9.05 -21.62
N ARG A 328 10.67 9.35 -21.94
CA ARG A 328 11.79 9.00 -21.07
C ARG A 328 11.83 9.85 -19.81
N TRP A 329 11.00 10.90 -19.72
CA TRP A 329 10.96 11.71 -18.51
C TRP A 329 10.44 10.91 -17.32
N LEU A 330 9.56 9.93 -17.56
CA LEU A 330 8.97 9.19 -16.44
C LEU A 330 10.02 8.40 -15.66
N PRO A 331 10.84 7.56 -16.29
CA PRO A 331 11.94 6.93 -15.51
C PRO A 331 12.91 7.94 -14.92
N SER A 332 13.15 9.05 -15.63
CA SER A 332 14.11 10.03 -15.14
C SER A 332 13.65 10.65 -13.82
N LEU A 333 12.37 11.03 -13.74
CA LEU A 333 11.85 11.58 -12.50
C LEU A 333 11.83 10.53 -11.39
N VAL A 334 11.62 9.26 -11.75
CA VAL A 334 11.74 8.18 -10.77
C VAL A 334 13.16 8.13 -10.24
N LEU A 335 14.16 8.27 -11.12
CA LEU A 335 15.55 8.31 -10.69
C LEU A 335 15.82 9.50 -9.79
N ALA A 336 15.29 10.67 -10.16
CA ALA A 336 15.54 11.89 -9.38
C ALA A 336 15.09 11.76 -7.94
N ARG A 337 14.15 10.86 -7.65
CA ARG A 337 13.65 10.71 -6.29
C ARG A 337 14.75 10.30 -5.31
N LEU A 338 15.86 9.77 -5.81
CA LEU A 338 17.00 9.45 -4.95
C LEU A 338 17.34 10.61 -4.03
N VAL A 339 17.10 11.84 -4.48
CA VAL A 339 17.44 13.01 -3.69
C VAL A 339 16.76 13.01 -2.32
N PHE A 340 15.62 12.33 -2.19
CA PHE A 340 14.90 12.33 -0.94
C PHE A 340 15.61 11.54 0.15
N VAL A 341 16.54 10.66 -0.21
CA VAL A 341 17.27 9.87 0.78
C VAL A 341 18.15 10.82 1.60
N PRO A 342 19.04 11.61 0.99
CA PRO A 342 19.78 12.60 1.79
C PRO A 342 18.87 13.62 2.46
N LEU A 343 17.90 14.16 1.71
CA LEU A 343 17.06 15.23 2.25
C LEU A 343 16.40 14.81 3.55
N LEU A 344 15.65 13.71 3.53
CA LEU A 344 14.93 13.28 4.72
C LEU A 344 15.89 12.81 5.81
N LEU A 345 16.98 12.13 5.44
CA LEU A 345 17.93 11.66 6.44
C LEU A 345 18.54 12.81 7.23
N LEU A 346 18.65 13.99 6.61
CA LEU A 346 19.26 15.15 7.24
C LEU A 346 18.22 16.10 7.82
N CYS A 347 16.98 15.64 8.00
CA CYS A 347 15.98 16.39 8.75
C CYS A 347 16.23 16.16 10.24
N ASN A 348 15.33 16.66 11.08
CA ASN A 348 15.55 16.67 12.53
C ASN A 348 15.22 15.31 13.14
N ILE A 349 16.09 14.34 12.86
CA ILE A 349 16.00 13.02 13.48
C ILE A 349 16.65 13.07 14.86
N LYS A 350 15.89 12.74 15.90
CA LYS A 350 16.38 12.74 17.26
C LYS A 350 15.85 11.52 18.00
N PRO A 351 16.71 10.83 18.77
CA PRO A 351 18.14 11.09 18.80
C PRO A 351 18.88 10.63 17.54
N ARG A 352 20.04 11.20 17.22
CA ARG A 352 20.86 10.79 16.05
C ARG A 352 22.31 10.68 16.51
N ARG A 353 23.07 9.70 16.02
CA ARG A 353 24.47 9.53 16.46
C ARG A 353 25.51 10.07 15.49
N TYR A 354 25.24 10.14 14.21
CA TYR A 354 26.32 10.27 13.23
C TYR A 354 26.19 11.40 12.22
N LEU A 355 24.97 11.83 11.90
CA LEU A 355 24.78 12.92 10.94
C LEU A 355 24.43 14.22 11.65
N THR A 356 24.35 15.30 10.87
CA THR A 356 23.88 16.58 11.38
C THR A 356 22.50 16.88 10.82
N VAL A 357 21.78 17.74 11.52
CA VAL A 357 20.48 18.22 11.05
C VAL A 357 20.75 19.43 10.17
N VAL A 358 20.65 19.23 8.85
CA VAL A 358 20.76 20.35 7.93
C VAL A 358 19.43 21.08 7.81
N PHE A 359 18.31 20.37 7.97
CA PHE A 359 16.98 20.93 7.85
C PHE A 359 16.27 20.66 9.18
N GLU A 360 16.34 21.63 10.10
CA GLU A 360 15.78 21.46 11.43
C GLU A 360 14.32 21.88 11.53
N HIS A 361 13.90 22.87 10.73
CA HIS A 361 12.54 23.38 10.84
C HIS A 361 11.54 22.36 10.32
N ASP A 362 10.41 22.23 11.04
CA ASP A 362 9.37 21.30 10.64
C ASP A 362 8.93 21.52 9.20
N ALA A 363 8.94 22.77 8.74
CA ALA A 363 8.46 23.07 7.39
C ALA A 363 9.27 22.31 6.34
N TRP A 364 10.60 22.22 6.52
CA TRP A 364 11.40 21.40 5.62
C TRP A 364 10.86 19.97 5.55
N PHE A 365 10.68 19.34 6.71
CA PHE A 365 10.24 17.95 6.75
C PHE A 365 8.89 17.78 6.07
N ILE A 366 7.92 18.63 6.42
CA ILE A 366 6.59 18.53 5.83
C ILE A 366 6.66 18.74 4.33
N PHE A 367 7.45 19.71 3.88
CA PHE A 367 7.58 19.95 2.45
C PHE A 367 8.22 18.76 1.75
N PHE A 368 9.33 18.24 2.28
CA PHE A 368 9.95 17.07 1.69
C PHE A 368 8.99 15.90 1.65
N MET A 369 8.23 15.68 2.73
CA MET A 369 7.28 14.58 2.76
C MET A 369 6.21 14.74 1.68
N ALA A 370 5.75 15.97 1.45
CA ALA A 370 4.71 16.20 0.46
C ALA A 370 5.22 15.88 -0.94
N ALA A 371 6.38 16.43 -1.32
CA ALA A 371 6.96 16.10 -2.61
C ALA A 371 7.37 14.64 -2.67
N PHE A 372 7.96 14.13 -1.58
CA PHE A 372 8.30 12.72 -1.48
C PHE A 372 7.08 11.84 -1.73
N ALA A 373 5.94 12.21 -1.15
CA ALA A 373 4.74 11.40 -1.27
C ALA A 373 4.03 11.63 -2.60
N PHE A 374 3.95 12.88 -3.05
CA PHE A 374 3.26 13.16 -4.31
C PHE A 374 3.97 12.49 -5.49
N SER A 375 5.30 12.61 -5.54
CA SER A 375 6.03 11.95 -6.62
C SER A 375 5.83 10.44 -6.58
N ASN A 376 5.69 9.86 -5.39
CA ASN A 376 5.44 8.44 -5.27
C ASN A 376 4.12 8.06 -5.94
N GLY A 377 3.01 8.64 -5.46
CA GLY A 377 1.71 8.25 -5.95
C GLY A 377 1.51 8.55 -7.42
N TYR A 378 1.97 9.72 -7.86
CA TYR A 378 1.78 10.11 -9.26
C TYR A 378 2.58 9.21 -10.20
N LEU A 379 3.89 9.14 -9.98
CA LEU A 379 4.74 8.34 -10.86
C LEU A 379 4.42 6.85 -10.73
N ALA A 380 4.12 6.38 -9.52
CA ALA A 380 3.76 4.98 -9.36
C ALA A 380 2.49 4.64 -10.13
N SER A 381 1.48 5.52 -10.05
CA SER A 381 0.24 5.30 -10.80
C SER A 381 0.51 5.31 -12.30
N LEU A 382 1.33 6.25 -12.77
CA LEU A 382 1.67 6.29 -14.19
C LEU A 382 2.34 4.99 -14.63
N CYS A 383 3.24 4.44 -13.81
CA CYS A 383 3.91 3.20 -14.18
C CYS A 383 2.91 2.06 -14.30
N MET A 384 2.01 1.93 -13.31
CA MET A 384 1.04 0.84 -13.33
C MET A 384 0.03 1.03 -14.46
N CYS A 385 -0.35 2.26 -14.75
CA CYS A 385 -1.29 2.52 -15.83
C CYS A 385 -0.67 2.22 -17.19
N PHE A 386 0.61 2.55 -17.38
CA PHE A 386 1.24 2.46 -18.68
C PHE A 386 1.83 1.08 -18.97
N GLY A 387 2.30 0.37 -17.94
CA GLY A 387 2.89 -0.93 -18.13
C GLY A 387 2.07 -1.82 -19.05
N PRO A 388 0.81 -2.09 -18.67
CA PRO A 388 -0.02 -2.97 -19.49
C PRO A 388 -0.29 -2.45 -20.89
N LYS A 389 -0.16 -1.14 -21.12
CA LYS A 389 -0.40 -0.57 -22.44
C LYS A 389 0.84 -0.58 -23.34
N LYS A 390 1.94 -1.18 -22.92
CA LYS A 390 3.14 -1.33 -23.76
C LYS A 390 3.06 -2.67 -24.48
N VAL A 391 1.94 -3.35 -24.40
CA VAL A 391 1.84 -4.71 -24.88
C VAL A 391 0.46 -4.91 -25.53
N LYS A 392 0.34 -5.98 -26.30
CA LYS A 392 -0.90 -6.28 -26.99
C LYS A 392 -2.01 -6.62 -25.98
N PRO A 393 -3.28 -6.48 -26.39
CA PRO A 393 -4.38 -6.76 -25.44
C PRO A 393 -4.34 -8.17 -24.87
N ALA A 394 -4.03 -9.17 -25.70
CA ALA A 394 -3.98 -10.55 -25.22
C ALA A 394 -2.89 -10.77 -24.19
N GLU A 395 -2.00 -9.80 -23.99
CA GLU A 395 -0.94 -9.89 -23.00
C GLU A 395 -1.04 -8.81 -21.93
N ALA A 396 -2.05 -7.94 -21.99
CA ALA A 396 -2.16 -6.84 -21.03
C ALA A 396 -2.45 -7.35 -19.63
N GLU A 397 -3.13 -8.49 -19.50
CA GLU A 397 -3.45 -9.03 -18.18
C GLU A 397 -2.19 -9.55 -17.50
N THR A 398 -1.37 -10.33 -18.21
CA THR A 398 -0.11 -10.78 -17.65
C THR A 398 0.83 -9.62 -17.37
N ALA A 399 0.82 -8.60 -18.24
CA ALA A 399 1.65 -7.43 -18.01
C ALA A 399 1.27 -6.75 -16.70
N GLY A 400 -0.03 -6.58 -16.44
CA GLY A 400 -0.45 -6.01 -15.17
C GLY A 400 -0.03 -6.86 -13.98
N ALA A 401 -0.12 -8.18 -14.12
CA ALA A 401 0.30 -9.07 -13.04
C ALA A 401 1.79 -8.92 -12.76
N ILE A 402 2.61 -8.81 -13.81
CA ILE A 402 4.04 -8.62 -13.60
C ILE A 402 4.31 -7.29 -12.92
N MET A 403 3.62 -6.23 -13.37
CA MET A 403 3.81 -4.92 -12.76
C MET A 403 3.53 -4.96 -11.26
N ALA A 404 2.50 -5.73 -10.86
CA ALA A 404 2.20 -5.86 -9.44
C ALA A 404 3.36 -6.49 -8.68
N PHE A 405 3.99 -7.51 -9.28
CA PHE A 405 5.15 -8.14 -8.63
C PHE A 405 6.29 -7.15 -8.45
N PHE A 406 6.59 -6.36 -9.49
CA PHE A 406 7.70 -5.42 -9.41
C PHE A 406 7.40 -4.31 -8.42
N LEU A 407 6.15 -3.86 -8.34
CA LEU A 407 5.75 -2.95 -7.28
C LEU A 407 6.06 -3.56 -5.92
N CYS A 408 5.74 -4.84 -5.73
CA CYS A 408 5.98 -5.50 -4.46
C CYS A 408 7.45 -5.80 -4.24
N LEU A 409 8.19 -6.09 -5.32
CA LEU A 409 9.64 -6.20 -5.19
C LEU A 409 10.23 -4.89 -4.70
N GLY A 410 9.71 -3.76 -5.18
CA GLY A 410 10.14 -2.47 -4.66
C GLY A 410 9.85 -2.32 -3.18
N LEU A 411 8.65 -2.74 -2.76
CA LEU A 411 8.33 -2.71 -1.33
C LEU A 411 9.31 -3.55 -0.53
N ALA A 412 9.68 -4.73 -1.05
CA ALA A 412 10.56 -5.63 -0.32
C ALA A 412 11.98 -5.09 -0.28
N LEU A 413 12.50 -4.61 -1.41
CA LEU A 413 13.84 -4.04 -1.43
C LEU A 413 13.93 -2.82 -0.52
N GLY A 414 12.85 -2.02 -0.47
CA GLY A 414 12.84 -0.88 0.43
C GLY A 414 12.91 -1.29 1.88
N ALA A 415 12.20 -2.36 2.25
CA ALA A 415 12.26 -2.85 3.63
C ALA A 415 13.67 -3.30 3.99
N VAL A 416 14.36 -3.93 3.06
CA VAL A 416 15.75 -4.38 3.26
C VAL A 416 16.65 -3.17 3.45
N PHE A 417 16.60 -2.22 2.55
CA PHE A 417 17.48 -1.02 2.55
C PHE A 417 17.22 -0.20 3.80
N SER A 418 15.95 -0.04 4.20
CA SER A 418 15.52 0.77 5.36
C SER A 418 15.94 0.15 6.69
N PHE A 419 16.36 -1.11 6.66
CA PHE A 419 16.78 -1.97 7.77
C PHE A 419 18.31 -1.83 7.93
N LEU A 420 18.95 -0.88 7.21
CA LEU A 420 20.33 -0.35 7.29
C LEU A 420 20.31 1.17 7.54
N PHE A 421 19.56 1.95 6.74
CA PHE A 421 19.37 3.43 6.81
C PHE A 421 19.05 3.90 8.23
#